data_8CTD
#
_entry.id   8CTD
#
loop_
_entity.id
_entity.type
_entity.pdbx_description
1 polymer 'Excitatory amino acid transporter 3'
2 non-polymer 'GLUTAMIC ACID'
3 non-polymer 'SODIUM ION'
4 non-polymer 'MERCURY (II) ION'
#
_entity_poly.entity_id   1
_entity_poly.type   'polypeptide(L)'
_entity_poly.pdbx_seq_one_letter_code
;GPMGKPARKGAEWKRFLKNNWVLLSTVAAVVLGITTGVLVREHSNLSTLEKFYFAFPGEILMRMLKLIILPLIISSMITG
VAALDSNVSGKIGLRAVVYYFATTLIAVILGIVLVVSIKPGVTQKVGEIARTGSTPEVSTVDAMLDLIRNMFPENLVQAA
FQQYKTKREEVKPPSDPEMTMTEESFTAVMTTAISKTKTKEYKIVGMYSDGINVLGLIVFALVFGLVIGKMGEKGQILVD
FFNALSDATMKIVQIIMWYMPLGILFLIAGCIIEVEDWEIFRKLGLYMATVLTGLAIHSIVILPLIYFIVVRKNPFRFAM
GMAQALLTALMISSSSATLPVTFRCAEENNQVDKRITRFVLPVGATINMDGTALYEAVAAVFIAQLNDLDLGIGQIITIS
ITATSASIGAAGVPQAGLVTMVIVLSAVGLPAEDVTLIIAVDCLLDRFRTMVNVLGDAFGTGIVEKLSKKELEQMDVSSE
VNIVNPFALESTILDNEDSDTKKSYVNGGFAVDKSDTISFTQTSQF
;
_entity_poly.pdbx_strand_id   A
#
loop_
_chem_comp.id
_chem_comp.type
_chem_comp.name
_chem_comp.formula
HG non-polymer 'MERCURY (II) ION' 'Hg 2'
NA non-polymer 'SODIUM ION' 'Na 1'
#
# COMPACT_ATOMS: atom_id res chain seq x y z
N LEU A 17 29.69 -5.28 5.62
CA LEU A 17 29.50 -5.74 6.98
C LEU A 17 28.85 -7.12 6.99
N LYS A 18 29.44 -8.04 7.76
CA LYS A 18 28.89 -9.38 7.87
C LYS A 18 27.54 -9.35 8.58
N ASN A 19 26.68 -10.31 8.23
CA ASN A 19 25.31 -10.51 8.68
C ASN A 19 24.36 -9.50 8.02
N ASN A 20 24.87 -8.55 7.25
CA ASN A 20 24.06 -7.66 6.44
C ASN A 20 24.08 -8.06 4.97
N TRP A 21 24.15 -9.37 4.69
CA TRP A 21 24.29 -9.85 3.32
C TRP A 21 23.07 -9.48 2.48
N VAL A 22 21.86 -9.59 3.06
CA VAL A 22 20.65 -9.30 2.30
C VAL A 22 20.63 -7.83 1.89
N LEU A 23 20.91 -6.92 2.83
CA LEU A 23 20.88 -5.50 2.52
C LEU A 23 21.94 -5.12 1.50
N LEU A 24 23.16 -5.65 1.66
CA LEU A 24 24.23 -5.34 0.72
C LEU A 24 23.90 -5.87 -0.68
N SER A 25 23.36 -7.09 -0.75
CA SER A 25 22.98 -7.65 -2.04
C SER A 25 21.87 -6.83 -2.69
N THR A 26 20.90 -6.39 -1.89
CA THR A 26 19.82 -5.58 -2.45
C THR A 26 20.34 -4.25 -2.98
N VAL A 27 21.25 -3.61 -2.23
CA VAL A 27 21.81 -2.34 -2.68
C VAL A 27 22.62 -2.53 -3.96
N ALA A 28 23.43 -3.59 -4.01
CA ALA A 28 24.21 -3.86 -5.21
C ALA A 28 23.31 -4.14 -6.41
N ALA A 29 22.24 -4.91 -6.21
CA ALA A 29 21.30 -5.18 -7.29
C ALA A 29 20.63 -3.89 -7.76
N VAL A 30 20.26 -3.01 -6.82
CA VAL A 30 19.59 -1.77 -7.18
C VAL A 30 20.52 -0.89 -8.02
N VAL A 31 21.77 -0.74 -7.58
CA VAL A 31 22.69 0.13 -8.32
C VAL A 31 23.03 -0.49 -9.67
N LEU A 32 23.18 -1.81 -9.73
CA LEU A 32 23.45 -2.45 -11.02
C LEU A 32 22.28 -2.31 -11.97
N GLY A 33 21.05 -2.42 -11.46
CA GLY A 33 19.89 -2.24 -12.31
C GLY A 33 19.76 -0.81 -12.81
N ILE A 34 20.08 0.16 -11.94
CA ILE A 34 20.06 1.56 -12.37
C ILE A 34 21.10 1.79 -13.46
N THR A 35 22.30 1.23 -13.29
CA THR A 35 23.32 1.36 -14.31
C THR A 35 22.89 0.72 -15.62
N THR A 36 22.29 -0.47 -15.55
CA THR A 36 21.83 -1.14 -16.76
C THR A 36 20.76 -0.33 -17.46
N GLY A 37 19.80 0.20 -16.71
CA GLY A 37 18.76 1.01 -17.32
C GLY A 37 19.27 2.30 -17.93
N VAL A 38 20.29 2.90 -17.31
CA VAL A 38 20.82 4.14 -17.86
C VAL A 38 21.81 3.91 -19.00
N LEU A 39 22.35 2.69 -19.13
CA LEU A 39 23.33 2.41 -20.17
C LEU A 39 22.71 1.74 -21.39
N VAL A 40 22.01 0.62 -21.19
CA VAL A 40 21.50 -0.16 -22.32
C VAL A 40 20.41 0.58 -23.08
N ARG A 41 19.78 1.60 -22.48
CA ARG A 41 18.72 2.33 -23.16
C ARG A 41 19.29 3.25 -24.23
N GLU A 42 20.40 3.93 -23.94
CA GLU A 42 20.95 4.91 -24.86
C GLU A 42 21.99 4.33 -25.80
N HIS A 43 22.56 3.16 -25.49
CA HIS A 43 23.50 2.50 -26.38
C HIS A 43 22.86 1.47 -27.29
N SER A 44 21.54 1.31 -27.23
CA SER A 44 20.83 0.33 -28.05
C SER A 44 19.39 0.77 -28.19
N ASN A 45 18.63 0.01 -28.99
CA ASN A 45 17.21 0.27 -29.19
C ASN A 45 16.50 -1.08 -29.28
N LEU A 46 15.40 -1.21 -28.53
CA LEU A 46 14.64 -2.45 -28.49
C LEU A 46 13.18 -2.17 -28.80
N SER A 47 12.52 -3.15 -29.41
CA SER A 47 11.09 -3.05 -29.67
C SER A 47 10.29 -3.32 -28.39
N THR A 48 8.98 -3.15 -28.50
CA THR A 48 8.13 -3.35 -27.32
C THR A 48 8.16 -4.81 -26.85
N LEU A 49 8.19 -5.75 -27.79
CA LEU A 49 8.28 -7.16 -27.40
C LEU A 49 9.59 -7.47 -26.71
N GLU A 50 10.69 -6.92 -27.23
CA GLU A 50 11.99 -7.12 -26.58
C GLU A 50 12.03 -6.45 -25.21
N LYS A 51 11.42 -5.28 -25.06
CA LYS A 51 11.34 -4.64 -23.75
C LYS A 51 10.53 -5.49 -22.78
N PHE A 52 9.45 -6.11 -23.25
CA PHE A 52 8.68 -7.00 -22.40
C PHE A 52 9.50 -8.21 -21.97
N TYR A 53 10.20 -8.83 -22.93
CA TYR A 53 11.01 -10.00 -22.61
C TYR A 53 12.20 -9.68 -21.72
N PHE A 54 12.66 -8.41 -21.73
CA PHE A 54 13.80 -8.05 -20.90
C PHE A 54 13.47 -8.12 -19.41
N ALA A 55 12.23 -7.80 -19.03
CA ALA A 55 11.82 -7.76 -17.64
C ALA A 55 11.15 -9.05 -17.18
N PHE A 56 11.44 -10.16 -17.86
CA PHE A 56 10.83 -11.44 -17.47
C PHE A 56 11.20 -11.89 -16.07
N PRO A 57 12.47 -11.83 -15.63
CA PRO A 57 12.75 -12.22 -14.23
C PRO A 57 12.00 -11.37 -13.21
N GLY A 58 11.83 -10.07 -13.49
CA GLY A 58 11.03 -9.23 -12.61
C GLY A 58 9.58 -9.68 -12.55
N GLU A 59 9.01 -10.05 -13.70
CA GLU A 59 7.65 -10.57 -13.71
C GLU A 59 7.54 -11.86 -12.92
N ILE A 60 8.54 -12.75 -13.04
CA ILE A 60 8.51 -13.99 -12.28
C ILE A 60 8.59 -13.72 -10.79
N LEU A 61 9.45 -12.78 -10.39
CA LEU A 61 9.54 -12.43 -8.97
C LEU A 61 8.23 -11.85 -8.47
N MET A 62 7.60 -10.98 -9.27
CA MET A 62 6.29 -10.41 -8.87
C MET A 62 5.31 -11.56 -8.67
N ARG A 63 5.22 -12.47 -9.64
CA ARG A 63 4.28 -13.58 -9.54
C ARG A 63 4.53 -14.41 -8.28
N MET A 64 5.79 -14.68 -7.98
CA MET A 64 6.11 -15.45 -6.78
C MET A 64 5.69 -14.71 -5.52
N LEU A 65 5.89 -13.39 -5.49
CA LEU A 65 5.47 -12.61 -4.33
C LEU A 65 3.95 -12.57 -4.21
N LYS A 66 3.25 -12.45 -5.33
CA LYS A 66 1.79 -12.43 -5.30
C LYS A 66 1.21 -13.77 -4.90
N LEU A 67 1.93 -14.87 -5.18
CA LEU A 67 1.46 -16.19 -4.80
C LEU A 67 1.33 -16.34 -3.29
N ILE A 68 2.16 -15.62 -2.52
CA ILE A 68 2.21 -15.82 -1.08
C ILE A 68 1.26 -14.90 -0.32
N ILE A 69 0.51 -14.04 -1.02
CA ILE A 69 -0.36 -13.10 -0.33
C ILE A 69 -1.54 -13.82 0.32
N LEU A 70 -2.16 -14.74 -0.41
CA LEU A 70 -3.37 -15.41 0.10
C LEU A 70 -3.12 -16.20 1.37
N PRO A 71 -2.12 -17.08 1.48
CA PRO A 71 -1.96 -17.84 2.73
C PRO A 71 -1.30 -17.07 3.86
N LEU A 72 -0.69 -15.92 3.57
CA LEU A 72 -0.07 -15.14 4.63
C LEU A 72 -1.07 -14.24 5.34
N ILE A 73 -1.90 -13.53 4.57
CA ILE A 73 -2.82 -12.55 5.15
C ILE A 73 -3.75 -13.22 6.15
N ILE A 74 -4.43 -14.28 5.71
CA ILE A 74 -5.45 -14.90 6.55
C ILE A 74 -4.82 -15.56 7.77
N SER A 75 -3.70 -16.27 7.58
CA SER A 75 -3.07 -16.97 8.69
C SER A 75 -2.54 -15.99 9.72
N SER A 76 -1.81 -14.96 9.27
CA SER A 76 -1.27 -13.98 10.20
C SER A 76 -2.39 -13.24 10.94
N MET A 77 -3.45 -12.87 10.23
CA MET A 77 -4.51 -12.10 10.87
C MET A 77 -5.27 -12.95 11.88
N ILE A 78 -5.58 -14.20 11.53
CA ILE A 78 -6.26 -15.09 12.47
C ILE A 78 -5.40 -15.35 13.70
N THR A 79 -4.10 -15.59 13.50
CA THR A 79 -3.23 -15.82 14.63
C THR A 79 -3.13 -14.59 15.53
N GLY A 80 -3.03 -13.41 14.92
CA GLY A 80 -2.94 -12.19 15.72
C GLY A 80 -4.19 -11.92 16.53
N VAL A 81 -5.37 -12.10 15.92
CA VAL A 81 -6.60 -11.86 16.65
C VAL A 81 -6.87 -12.92 17.71
N ALA A 82 -6.58 -14.20 17.43
CA ALA A 82 -6.86 -15.24 18.40
C ALA A 82 -5.79 -15.37 19.48
N ALA A 83 -4.62 -14.75 19.29
CA ALA A 83 -3.59 -14.80 20.31
C ALA A 83 -3.93 -13.93 21.52
N LEU A 84 -4.59 -12.80 21.30
CA LEU A 84 -4.90 -11.89 22.38
C LEU A 84 -6.10 -12.40 23.19
N ASP A 85 -6.33 -11.74 24.32
CA ASP A 85 -7.45 -12.08 25.18
C ASP A 85 -8.76 -11.64 24.55
N SER A 86 -9.87 -12.06 25.18
CA SER A 86 -11.20 -11.81 24.61
C SER A 86 -11.51 -10.32 24.57
N ASN A 87 -11.20 -9.59 25.65
CA ASN A 87 -11.59 -8.20 25.76
C ASN A 87 -10.56 -7.23 25.20
N VAL A 88 -9.27 -7.58 25.27
CA VAL A 88 -8.21 -6.66 24.85
C VAL A 88 -8.26 -6.41 23.35
N SER A 89 -8.69 -7.41 22.58
CA SER A 89 -8.63 -7.34 21.12
C SER A 89 -9.48 -6.20 20.58
N GLY A 90 -10.70 -6.04 21.11
CA GLY A 90 -11.57 -4.99 20.63
C GLY A 90 -11.01 -3.61 20.88
N LYS A 91 -10.49 -3.38 22.09
CA LYS A 91 -9.87 -2.09 22.40
C LYS A 91 -8.68 -1.82 21.51
N ILE A 92 -7.81 -2.82 21.31
CA ILE A 92 -6.63 -2.63 20.48
C ILE A 92 -7.02 -2.31 19.04
N GLY A 93 -8.02 -3.03 18.53
CA GLY A 93 -8.51 -2.72 17.19
C GLY A 93 -9.10 -1.32 17.09
N LEU A 94 -9.77 -0.87 18.16
CA LEU A 94 -10.29 0.50 18.17
C LEU A 94 -9.16 1.53 18.07
N ARG A 95 -8.10 1.34 18.86
CA ARG A 95 -6.97 2.26 18.77
C ARG A 95 -6.34 2.23 17.39
N ALA A 96 -6.16 1.04 16.82
CA ALA A 96 -5.56 0.94 15.49
C ALA A 96 -6.42 1.64 14.44
N VAL A 97 -7.74 1.45 14.50
CA VAL A 97 -8.63 2.06 13.53
C VAL A 97 -8.60 3.58 13.65
N VAL A 98 -8.66 4.08 14.89
CA VAL A 98 -8.64 5.53 15.07
C VAL A 98 -7.30 6.12 14.63
N TYR A 99 -6.21 5.38 14.88
CA TYR A 99 -4.87 5.83 14.42
C TYR A 99 -4.90 5.96 12.89
N TYR A 100 -5.35 4.91 12.22
CA TYR A 100 -5.41 4.92 10.76
C TYR A 100 -6.25 6.09 10.25
N PHE A 101 -7.40 6.32 10.88
CA PHE A 101 -8.26 7.42 10.45
C PHE A 101 -7.56 8.77 10.60
N ALA A 102 -6.92 8.99 11.75
CA ALA A 102 -6.22 10.25 11.97
C ALA A 102 -5.08 10.43 10.97
N THR A 103 -4.30 9.36 10.73
CA THR A 103 -3.18 9.48 9.81
C THR A 103 -3.64 9.76 8.39
N THR A 104 -4.71 9.08 7.94
CA THR A 104 -5.23 9.33 6.61
C THR A 104 -5.75 10.76 6.48
N LEU A 105 -6.49 11.24 7.49
CA LEU A 105 -6.97 12.61 7.45
C LEU A 105 -5.82 13.60 7.38
N ILE A 106 -4.77 13.38 8.18
CA ILE A 106 -3.61 14.26 8.16
C ILE A 106 -2.94 14.24 6.79
N ALA A 107 -2.81 13.04 6.19
CA ALA A 107 -2.18 12.94 4.88
C ALA A 107 -2.96 13.71 3.83
N VAL A 108 -4.28 13.55 3.80
CA VAL A 108 -5.09 14.26 2.81
C VAL A 108 -5.01 15.77 3.04
N ILE A 109 -5.08 16.22 4.29
CA ILE A 109 -5.02 17.64 4.57
C ILE A 109 -3.69 18.22 4.12
N LEU A 110 -2.59 17.52 4.43
CA LEU A 110 -1.27 17.99 4.04
C LEU A 110 -1.13 18.06 2.52
N GLY A 111 -1.57 17.02 1.83
CA GLY A 111 -1.50 17.02 0.37
C GLY A 111 -2.29 18.14 -0.25
N ILE A 112 -3.51 18.38 0.24
CA ILE A 112 -4.33 19.46 -0.28
C ILE A 112 -3.66 20.80 -0.03
N VAL A 113 -3.13 21.00 1.17
CA VAL A 113 -2.48 22.27 1.50
C VAL A 113 -1.31 22.52 0.56
N LEU A 114 -0.47 21.50 0.33
CA LEU A 114 0.67 21.69 -0.54
C LEU A 114 0.26 21.97 -1.99
N VAL A 115 -0.69 21.20 -2.52
CA VAL A 115 -1.03 21.39 -3.93
C VAL A 115 -1.69 22.75 -4.14
N VAL A 116 -2.49 23.20 -3.16
CA VAL A 116 -3.06 24.54 -3.23
C VAL A 116 -2.01 25.63 -3.09
N SER A 117 -1.00 25.43 -2.24
CA SER A 117 0.02 26.45 -2.05
C SER A 117 0.88 26.62 -3.30
N ILE A 118 1.29 25.51 -3.92
CA ILE A 118 2.20 25.60 -5.05
C ILE A 118 1.46 25.90 -6.36
N LYS A 119 0.18 25.58 -6.45
CA LYS A 119 -0.64 25.81 -7.63
C LYS A 119 0.05 25.41 -8.94
N PRO A 120 0.49 24.15 -9.07
CA PRO A 120 1.26 23.76 -10.26
C PRO A 120 0.42 23.65 -11.52
N GLY A 121 -0.90 23.72 -11.43
CA GLY A 121 -1.77 23.57 -12.59
C GLY A 121 -2.07 24.81 -13.37
N VAL A 122 -1.28 25.88 -13.18
CA VAL A 122 -1.53 27.13 -13.90
C VAL A 122 -1.35 26.93 -15.40
N THR A 123 -0.29 26.25 -15.81
CA THR A 123 -0.01 26.03 -17.22
C THR A 123 -1.06 25.12 -17.85
N SER A 139 -21.80 7.97 -11.04
CA SER A 139 -21.18 6.66 -10.88
C SER A 139 -20.38 6.59 -9.59
N THR A 140 -20.56 7.58 -8.72
CA THR A 140 -19.86 7.62 -7.45
C THR A 140 -20.62 6.92 -6.33
N VAL A 141 -21.96 6.92 -6.39
CA VAL A 141 -22.74 6.21 -5.37
C VAL A 141 -22.71 4.71 -5.59
N ASP A 142 -22.46 4.26 -6.83
CA ASP A 142 -22.35 2.84 -7.11
C ASP A 142 -20.93 2.32 -6.91
N ALA A 143 -19.97 3.18 -6.65
CA ALA A 143 -18.60 2.78 -6.37
C ALA A 143 -18.22 2.90 -4.91
N MET A 144 -18.85 3.80 -4.16
CA MET A 144 -18.66 3.86 -2.72
C MET A 144 -19.40 2.76 -1.99
N LEU A 145 -20.47 2.21 -2.59
CA LEU A 145 -21.17 1.08 -2.01
C LEU A 145 -20.51 -0.25 -2.31
N ASP A 146 -19.57 -0.28 -3.26
CA ASP A 146 -18.91 -1.54 -3.60
C ASP A 146 -17.99 -2.02 -2.49
N LEU A 147 -17.53 -1.10 -1.63
CA LEU A 147 -16.71 -1.52 -0.49
C LEU A 147 -17.50 -2.38 0.48
N ILE A 148 -18.73 -1.98 0.78
CA ILE A 148 -19.58 -2.76 1.69
C ILE A 148 -19.97 -4.07 1.02
N ARG A 149 -20.22 -4.06 -0.28
CA ARG A 149 -20.54 -5.28 -1.00
C ARG A 149 -19.35 -6.22 -1.10
N ASN A 150 -18.12 -5.69 -1.01
CA ASN A 150 -16.92 -6.51 -1.05
C ASN A 150 -16.50 -7.00 0.32
N MET A 151 -16.86 -6.28 1.39
CA MET A 151 -16.55 -6.76 2.74
C MET A 151 -17.39 -7.97 3.13
N PHE A 152 -18.46 -8.25 2.40
CA PHE A 152 -19.33 -9.39 2.65
C PHE A 152 -19.53 -10.17 1.36
N PRO A 153 -18.51 -10.91 0.92
CA PRO A 153 -18.62 -11.64 -0.35
C PRO A 153 -19.64 -12.76 -0.26
N GLU A 154 -20.24 -13.07 -1.42
CA GLU A 154 -21.20 -14.16 -1.48
C GLU A 154 -20.51 -15.51 -1.30
N ASN A 155 -19.33 -15.68 -1.87
CA ASN A 155 -18.60 -16.93 -1.80
C ASN A 155 -17.17 -16.68 -1.34
N LEU A 156 -16.69 -17.53 -0.43
CA LEU A 156 -15.33 -17.36 0.08
C LEU A 156 -14.29 -17.80 -0.94
N VAL A 157 -14.52 -18.93 -1.60
CA VAL A 157 -13.57 -19.42 -2.61
C VAL A 157 -13.50 -18.46 -3.77
N GLN A 158 -14.64 -17.89 -4.18
CA GLN A 158 -14.63 -16.88 -5.23
C GLN A 158 -13.95 -15.60 -4.76
N ALA A 159 -14.16 -15.21 -3.50
CA ALA A 159 -13.49 -14.02 -2.97
C ALA A 159 -11.99 -14.23 -2.84
N ALA A 160 -11.52 -15.48 -2.83
CA ALA A 160 -10.09 -15.73 -2.78
C ALA A 160 -9.37 -15.29 -4.05
N PHE A 161 -10.07 -15.21 -5.18
CA PHE A 161 -9.43 -14.80 -6.43
C PHE A 161 -10.29 -13.89 -7.30
N GLN A 162 -11.47 -13.47 -6.85
CA GLN A 162 -12.34 -12.62 -7.66
C GLN A 162 -12.95 -11.53 -6.80
N GLN A 163 -13.30 -10.42 -7.43
CA GLN A 163 -13.91 -9.27 -6.80
C GLN A 163 -15.32 -9.06 -7.33
N TYR A 164 -16.01 -8.08 -6.77
CA TYR A 164 -17.36 -7.73 -7.18
C TYR A 164 -17.39 -6.28 -7.65
N LYS A 165 -17.89 -6.05 -8.85
CA LYS A 165 -18.05 -4.71 -9.40
C LYS A 165 -19.43 -4.58 -9.99
N THR A 166 -20.12 -3.48 -9.68
CA THR A 166 -21.46 -3.25 -10.16
C THR A 166 -21.50 -2.04 -11.08
N LYS A 167 -22.40 -2.09 -12.06
CA LYS A 167 -22.60 -0.99 -12.99
C LYS A 167 -24.09 -0.81 -13.23
N ARG A 168 -24.47 0.41 -13.60
CA ARG A 168 -25.87 0.74 -13.87
C ARG A 168 -26.07 0.91 -15.38
N GLU A 169 -27.21 0.42 -15.87
CA GLU A 169 -27.51 0.48 -17.29
C GLU A 169 -29.02 0.40 -17.48
N GLU A 170 -29.46 0.88 -18.64
CA GLU A 170 -30.88 0.87 -18.97
C GLU A 170 -31.20 -0.25 -19.96
N TYR A 202 -32.62 2.25 -16.01
CA TYR A 202 -31.45 2.28 -15.15
C TYR A 202 -31.55 1.23 -14.04
N LYS A 203 -31.07 0.02 -14.32
CA LYS A 203 -31.09 -1.07 -13.37
C LYS A 203 -29.67 -1.46 -13.00
N ILE A 204 -29.47 -1.81 -11.73
CA ILE A 204 -28.15 -2.19 -11.24
C ILE A 204 -27.84 -3.61 -11.70
N VAL A 205 -26.67 -3.78 -12.32
CA VAL A 205 -26.23 -5.07 -12.83
C VAL A 205 -24.94 -5.46 -12.12
N GLY A 206 -24.90 -6.68 -11.61
CA GLY A 206 -23.74 -7.19 -10.89
C GLY A 206 -22.88 -8.08 -11.77
N MET A 207 -21.57 -7.97 -11.61
CA MET A 207 -20.61 -8.76 -12.37
C MET A 207 -19.39 -9.05 -11.51
N TYR A 208 -18.84 -10.25 -11.64
CA TYR A 208 -17.65 -10.66 -10.92
C TYR A 208 -16.44 -10.56 -11.82
N SER A 209 -15.41 -9.85 -11.36
CA SER A 209 -14.20 -9.63 -12.13
C SER A 209 -13.01 -10.26 -11.42
N ASP A 210 -11.96 -10.54 -12.18
CA ASP A 210 -10.77 -11.15 -11.62
C ASP A 210 -10.02 -10.15 -10.73
N GLY A 211 -9.29 -10.68 -9.76
CA GLY A 211 -8.59 -9.87 -8.79
C GLY A 211 -8.89 -10.30 -7.37
N ILE A 212 -7.84 -10.57 -6.60
CA ILE A 212 -8.03 -11.10 -5.25
C ILE A 212 -8.73 -10.08 -4.37
N ASN A 213 -9.73 -10.53 -3.63
CA ASN A 213 -10.45 -9.68 -2.69
C ASN A 213 -9.77 -9.75 -1.33
N VAL A 214 -9.33 -8.60 -0.83
CA VAL A 214 -8.53 -8.57 0.40
C VAL A 214 -9.37 -8.07 1.57
N LEU A 215 -10.27 -7.11 1.31
CA LEU A 215 -11.07 -6.54 2.38
C LEU A 215 -12.02 -7.57 2.97
N GLY A 216 -12.75 -8.28 2.11
CA GLY A 216 -13.65 -9.31 2.60
C GLY A 216 -12.92 -10.42 3.33
N LEU A 217 -11.78 -10.85 2.78
CA LEU A 217 -10.99 -11.87 3.47
C LEU A 217 -10.51 -11.35 4.83
N ILE A 218 -10.06 -10.09 4.89
CA ILE A 218 -9.55 -9.55 6.14
C ILE A 218 -10.63 -9.50 7.21
N VAL A 219 -11.84 -9.04 6.84
CA VAL A 219 -12.91 -9.02 7.84
C VAL A 219 -13.32 -10.43 8.22
N PHE A 220 -13.24 -11.38 7.28
CA PHE A 220 -13.55 -12.77 7.63
C PHE A 220 -12.56 -13.32 8.64
N ALA A 221 -11.28 -12.99 8.46
CA ALA A 221 -10.25 -13.42 9.42
C ALA A 221 -10.54 -12.75 10.78
N LEU A 222 -10.92 -11.47 10.77
CA LEU A 222 -11.27 -10.79 12.02
C LEU A 222 -12.34 -11.57 12.77
N VAL A 223 -13.46 -11.88 12.08
CA VAL A 223 -14.57 -12.56 12.74
C VAL A 223 -14.15 -13.96 13.18
N PHE A 224 -13.45 -14.68 12.31
CA PHE A 224 -13.05 -16.06 12.63
C PHE A 224 -12.10 -16.11 13.81
N GLY A 225 -11.12 -15.19 13.85
CA GLY A 225 -10.20 -15.16 14.97
C GLY A 225 -10.87 -14.78 16.27
N LEU A 226 -11.80 -13.82 16.23
CA LEU A 226 -12.54 -13.47 17.43
C LEU A 226 -13.35 -14.66 17.93
N VAL A 227 -14.02 -15.37 17.02
CA VAL A 227 -14.83 -16.53 17.43
C VAL A 227 -13.94 -17.63 18.00
N ILE A 228 -12.80 -17.89 17.37
CA ILE A 228 -11.91 -18.95 17.84
C ILE A 228 -11.35 -18.60 19.22
N GLY A 229 -10.94 -17.34 19.41
CA GLY A 229 -10.47 -16.93 20.72
C GLY A 229 -11.54 -17.04 21.78
N LYS A 230 -12.79 -16.70 21.43
CA LYS A 230 -13.89 -16.82 22.38
C LYS A 230 -14.15 -18.28 22.75
N MET A 231 -14.07 -19.18 21.77
CA MET A 231 -14.39 -20.58 22.02
C MET A 231 -13.42 -21.19 23.02
N GLY A 232 -12.14 -20.90 22.89
CA GLY A 232 -11.15 -21.34 23.87
C GLY A 232 -10.57 -22.72 23.53
N GLU A 233 -10.84 -23.69 24.40
CA GLU A 233 -10.22 -25.01 24.26
C GLU A 233 -10.66 -25.71 22.99
N LYS A 234 -11.93 -25.54 22.61
CA LYS A 234 -12.44 -26.22 21.42
C LYS A 234 -11.73 -25.76 20.16
N GLY A 235 -11.35 -24.48 20.09
CA GLY A 235 -10.65 -23.93 18.95
C GLY A 235 -9.15 -24.02 19.00
N GLN A 236 -8.59 -24.79 19.93
CA GLN A 236 -7.13 -24.87 20.05
C GLN A 236 -6.51 -25.52 18.82
N ILE A 237 -7.13 -26.58 18.30
CA ILE A 237 -6.59 -27.23 17.10
C ILE A 237 -6.62 -26.26 15.92
N LEU A 238 -7.72 -25.53 15.76
CA LEU A 238 -7.84 -24.56 14.68
C LEU A 238 -6.90 -23.39 14.83
N VAL A 239 -6.53 -23.01 16.05
CA VAL A 239 -5.56 -21.94 16.20
C VAL A 239 -4.12 -22.44 16.00
N ASP A 240 -3.81 -23.67 16.41
CA ASP A 240 -2.47 -24.21 16.16
C ASP A 240 -2.24 -24.46 14.69
N PHE A 241 -3.30 -24.84 13.94
CA PHE A 241 -3.15 -25.04 12.51
C PHE A 241 -2.68 -23.75 11.83
N PHE A 242 -3.33 -22.63 12.12
CA PHE A 242 -2.92 -21.37 11.52
C PHE A 242 -1.61 -20.86 12.09
N ASN A 243 -1.31 -21.19 13.35
CA ASN A 243 -0.01 -20.83 13.91
C ASN A 243 1.12 -21.51 13.14
N ALA A 244 0.93 -22.79 12.78
CA ALA A 244 1.94 -23.48 11.98
C ALA A 244 1.96 -22.95 10.55
N LEU A 245 0.79 -22.62 10.00
CA LEU A 245 0.74 -22.09 8.64
C LEU A 245 1.50 -20.77 8.52
N SER A 246 1.40 -19.93 9.55
CA SER A 246 2.13 -18.66 9.53
C SER A 246 3.63 -18.88 9.47
N ASP A 247 4.14 -19.82 10.27
CA ASP A 247 5.57 -20.11 10.24
C ASP A 247 6.00 -20.69 8.90
N ALA A 248 5.19 -21.58 8.33
CA ALA A 248 5.53 -22.13 7.02
C ALA A 248 5.57 -21.05 5.94
N THR A 249 4.61 -20.13 5.96
CA THR A 249 4.60 -19.04 4.99
C THR A 249 5.79 -18.11 5.18
N MET A 250 6.16 -17.83 6.44
CA MET A 250 7.34 -17.00 6.69
C MET A 250 8.61 -17.68 6.17
N LYS A 251 8.70 -19.01 6.35
CA LYS A 251 9.86 -19.73 5.81
C LYS A 251 9.90 -19.66 4.29
N ILE A 252 8.73 -19.78 3.65
CA ILE A 252 8.70 -19.68 2.19
C ILE A 252 9.13 -18.29 1.73
N VAL A 253 8.70 -17.25 2.45
CA VAL A 253 9.13 -15.89 2.11
C VAL A 253 10.63 -15.74 2.29
N GLN A 254 11.18 -16.34 3.35
CA GLN A 254 12.63 -16.33 3.54
C GLN A 254 13.35 -17.02 2.39
N ILE A 255 12.76 -18.09 1.84
CA ILE A 255 13.34 -18.73 0.67
C ILE A 255 13.30 -17.79 -0.53
N ILE A 256 12.17 -17.10 -0.73
CA ILE A 256 12.04 -16.18 -1.86
C ILE A 256 13.04 -15.04 -1.75
N MET A 257 13.40 -14.68 -0.52
CA MET A 257 14.38 -13.63 -0.27
C MET A 257 15.69 -13.88 -1.02
N TRP A 258 16.08 -15.14 -1.17
CA TRP A 258 17.32 -15.47 -1.86
C TRP A 258 17.29 -15.01 -3.31
N TYR A 259 16.19 -15.27 -4.01
CA TYR A 259 16.09 -14.90 -5.42
C TYR A 259 15.67 -13.45 -5.64
N MET A 260 15.11 -12.79 -4.62
CA MET A 260 14.58 -11.46 -4.83
C MET A 260 15.56 -10.44 -5.39
N PRO A 261 16.85 -10.39 -5.00
CA PRO A 261 17.74 -9.37 -5.57
C PRO A 261 17.81 -9.34 -7.09
N LEU A 262 17.89 -10.51 -7.74
CA LEU A 262 17.97 -10.52 -9.20
C LEU A 262 16.68 -10.00 -9.84
N GLY A 263 15.54 -10.39 -9.28
CA GLY A 263 14.28 -9.86 -9.76
C GLY A 263 14.19 -8.36 -9.58
N ILE A 264 14.71 -7.85 -8.46
CA ILE A 264 14.73 -6.41 -8.23
C ILE A 264 15.59 -5.71 -9.28
N LEU A 265 16.77 -6.28 -9.56
CA LEU A 265 17.65 -5.71 -10.58
C LEU A 265 16.94 -5.60 -11.93
N PHE A 266 16.34 -6.72 -12.37
CA PHE A 266 15.68 -6.71 -13.66
C PHE A 266 14.42 -5.84 -13.68
N LEU A 267 13.70 -5.76 -12.57
CA LEU A 267 12.54 -4.89 -12.49
C LEU A 267 12.94 -3.43 -12.62
N ILE A 268 14.01 -3.02 -11.94
CA ILE A 268 14.49 -1.65 -12.07
C ILE A 268 14.96 -1.38 -13.49
N ALA A 269 15.69 -2.32 -14.08
CA ALA A 269 16.15 -2.12 -15.45
C ALA A 269 14.98 -1.95 -16.42
N GLY A 270 13.96 -2.80 -16.29
CA GLY A 270 12.78 -2.66 -17.13
C GLY A 270 12.01 -1.38 -16.90
N CYS A 271 11.95 -0.93 -15.64
CA CYS A 271 11.28 0.33 -15.35
C CYS A 271 12.00 1.50 -16.00
N ILE A 272 13.33 1.52 -15.95
CA ILE A 272 14.07 2.60 -16.60
C ILE A 272 13.95 2.52 -18.12
N ILE A 273 13.94 1.30 -18.67
CA ILE A 273 13.90 1.15 -20.12
C ILE A 273 12.61 1.70 -20.70
N GLU A 274 11.48 1.43 -20.05
CA GLU A 274 10.17 1.69 -20.66
C GLU A 274 9.86 3.17 -20.83
N VAL A 275 10.64 4.08 -20.24
CA VAL A 275 10.42 5.49 -20.45
C VAL A 275 10.69 5.84 -21.91
N GLU A 276 10.00 6.87 -22.41
CA GLU A 276 10.00 7.16 -23.84
C GLU A 276 11.05 8.18 -24.25
N ASP A 277 10.90 9.43 -23.79
CA ASP A 277 11.80 10.47 -24.27
C ASP A 277 12.23 11.46 -23.19
N TRP A 278 11.89 11.24 -21.92
CA TRP A 278 12.24 12.12 -20.81
C TRP A 278 11.61 13.51 -20.95
N GLU A 279 10.78 13.71 -21.99
CA GLU A 279 10.08 14.98 -22.13
C GLU A 279 8.96 15.12 -21.11
N ILE A 280 8.28 14.02 -20.80
CA ILE A 280 7.22 14.04 -19.79
C ILE A 280 7.78 14.38 -18.41
N PHE A 281 9.07 14.18 -18.19
CA PHE A 281 9.69 14.60 -16.94
C PHE A 281 9.60 16.12 -16.78
N ARG A 282 9.91 16.86 -17.84
CA ARG A 282 9.82 18.32 -17.79
C ARG A 282 8.37 18.79 -17.89
N LYS A 283 7.54 18.09 -18.66
CA LYS A 283 6.16 18.54 -18.83
C LYS A 283 5.40 18.54 -17.53
N LEU A 284 5.60 17.52 -16.69
CA LEU A 284 4.89 17.38 -15.43
C LEU A 284 5.85 17.35 -14.23
N GLY A 285 6.90 18.17 -14.28
CA GLY A 285 7.87 18.17 -13.20
C GLY A 285 7.32 18.68 -11.89
N LEU A 286 6.50 19.74 -11.94
CA LEU A 286 5.91 20.28 -10.72
C LEU A 286 5.02 19.25 -10.05
N TYR A 287 4.32 18.44 -10.85
CA TYR A 287 3.48 17.39 -10.30
C TYR A 287 4.30 16.40 -9.47
N MET A 288 5.47 16.01 -9.97
CA MET A 288 6.36 15.15 -9.18
C MET A 288 6.88 15.88 -7.95
N ALA A 289 7.23 17.17 -8.10
CA ALA A 289 7.81 17.91 -7.00
C ALA A 289 6.86 18.03 -5.82
N THR A 290 5.60 18.38 -6.09
CA THR A 290 4.63 18.51 -5.00
C THR A 290 4.41 17.18 -4.29
N VAL A 291 4.31 16.10 -5.06
CA VAL A 291 4.09 14.77 -4.47
C VAL A 291 5.27 14.39 -3.58
N LEU A 292 6.50 14.60 -4.07
CA LEU A 292 7.67 14.23 -3.28
C LEU A 292 7.80 15.10 -2.03
N THR A 293 7.47 16.40 -2.14
CA THR A 293 7.50 17.25 -0.94
C THR A 293 6.48 16.78 0.09
N GLY A 294 5.27 16.43 -0.35
CA GLY A 294 4.28 15.91 0.57
C GLY A 294 4.72 14.61 1.23
N LEU A 295 5.30 13.70 0.43
CA LEU A 295 5.82 12.45 0.98
C LEU A 295 6.89 12.71 2.02
N ALA A 296 7.85 13.58 1.72
CA ALA A 296 8.93 13.87 2.65
C ALA A 296 8.40 14.51 3.93
N ILE A 297 7.46 15.44 3.81
CA ILE A 297 6.89 16.05 5.01
C ILE A 297 6.19 15.00 5.86
N HIS A 298 5.31 14.21 5.25
CA HIS A 298 4.55 13.23 6.01
C HIS A 298 5.46 12.19 6.66
N SER A 299 6.59 11.87 6.03
CA SER A 299 7.48 10.85 6.56
C SER A 299 8.54 11.37 7.52
N ILE A 300 8.76 12.69 7.58
CA ILE A 300 9.87 13.19 8.40
C ILE A 300 9.39 14.13 9.50
N VAL A 301 8.28 14.82 9.30
CA VAL A 301 7.83 15.87 10.20
C VAL A 301 6.66 15.40 11.07
N ILE A 302 5.71 14.67 10.48
CA ILE A 302 4.48 14.33 11.18
C ILE A 302 4.61 13.00 11.92
N LEU A 303 4.89 11.92 11.19
CA LEU A 303 4.95 10.60 11.81
C LEU A 303 6.05 10.49 12.86
N PRO A 304 7.29 10.92 12.62
CA PRO A 304 8.27 10.93 13.72
C PRO A 304 7.83 11.79 14.89
N LEU A 305 7.11 12.89 14.62
CA LEU A 305 6.61 13.71 15.72
C LEU A 305 5.61 12.94 16.58
N ILE A 306 4.70 12.19 15.96
CA ILE A 306 3.73 11.44 16.74
C ILE A 306 4.41 10.29 17.49
N TYR A 307 5.41 9.65 16.88
CA TYR A 307 6.16 8.63 17.61
C TYR A 307 6.83 9.23 18.84
N PHE A 308 7.52 10.37 18.65
CA PHE A 308 8.22 11.00 19.77
C PHE A 308 7.27 11.47 20.85
N ILE A 309 6.11 12.01 20.47
CA ILE A 309 5.13 12.45 21.46
C ILE A 309 4.59 11.27 22.25
N VAL A 310 4.22 10.20 21.56
CA VAL A 310 3.67 9.03 22.25
C VAL A 310 4.75 8.27 22.99
N VAL A 311 5.86 7.97 22.33
CA VAL A 311 6.95 7.20 22.90
C VAL A 311 8.20 8.08 22.94
N ARG A 312 8.83 8.17 24.11
CA ARG A 312 10.00 9.01 24.29
C ARG A 312 11.27 8.30 23.80
N LYS A 313 11.27 8.00 22.51
CA LYS A 313 12.39 7.37 21.84
C LYS A 313 12.59 8.02 20.48
N ASN A 314 13.82 7.96 19.99
CA ASN A 314 14.13 8.51 18.67
C ASN A 314 13.63 7.57 17.59
N PRO A 315 12.78 8.03 16.66
CA PRO A 315 12.23 7.13 15.65
C PRO A 315 13.17 6.81 14.50
N PHE A 316 14.30 7.53 14.37
CA PHE A 316 15.13 7.37 13.20
C PHE A 316 15.90 6.04 13.20
N ARG A 317 16.35 5.57 14.36
CA ARG A 317 16.94 4.23 14.41
C ARG A 317 15.91 3.17 14.06
N PHE A 318 14.67 3.34 14.54
CA PHE A 318 13.60 2.41 14.22
C PHE A 318 13.34 2.37 12.73
N ALA A 319 13.36 3.54 12.07
CA ALA A 319 13.13 3.58 10.64
C ALA A 319 14.31 3.00 9.86
N MET A 320 15.54 3.31 10.28
CA MET A 320 16.72 2.91 9.51
C MET A 320 17.01 1.42 9.66
N GLY A 321 16.67 0.83 10.81
CA GLY A 321 16.94 -0.59 11.01
C GLY A 321 16.20 -1.47 10.02
N MET A 322 14.97 -1.08 9.66
CA MET A 322 14.12 -1.85 8.77
C MET A 322 14.05 -1.25 7.37
N ALA A 323 15.13 -0.59 6.92
CA ALA A 323 15.14 0.03 5.60
C ALA A 323 15.15 -1.00 4.48
N GLN A 324 15.46 -2.26 4.78
CA GLN A 324 15.43 -3.30 3.76
C GLN A 324 14.02 -3.47 3.18
N ALA A 325 13.01 -3.46 4.05
CA ALA A 325 11.64 -3.50 3.58
C ALA A 325 11.33 -2.29 2.72
N LEU A 326 11.88 -1.13 3.07
CA LEU A 326 11.71 0.06 2.25
C LEU A 326 12.28 -0.12 0.85
N LEU A 327 13.50 -0.65 0.77
CA LEU A 327 14.13 -0.88 -0.53
C LEU A 327 13.31 -1.87 -1.35
N THR A 328 12.90 -2.97 -0.74
CA THR A 328 12.13 -3.98 -1.46
C THR A 328 10.81 -3.42 -1.97
N ALA A 329 10.07 -2.73 -1.09
CA ALA A 329 8.78 -2.18 -1.48
C ALA A 329 8.93 -1.12 -2.56
N LEU A 330 9.92 -0.24 -2.41
CA LEU A 330 10.11 0.82 -3.38
C LEU A 330 10.52 0.27 -4.74
N MET A 331 11.26 -0.84 -4.75
CA MET A 331 11.63 -1.46 -6.02
C MET A 331 10.45 -2.17 -6.66
N ILE A 332 9.64 -2.88 -5.86
CA ILE A 332 8.51 -3.62 -6.41
C ILE A 332 7.24 -2.79 -6.49
N SER A 333 7.21 -1.60 -5.91
CA SER A 333 6.07 -0.68 -5.96
C SER A 333 4.78 -1.38 -5.52
N SER A 334 4.77 -1.86 -4.28
CA SER A 334 3.61 -2.55 -3.73
C SER A 334 3.74 -2.61 -2.23
N SER A 335 2.65 -2.34 -1.52
CA SER A 335 2.62 -2.42 -0.06
C SER A 335 2.06 -3.75 0.44
N SER A 336 1.04 -4.29 -0.21
CA SER A 336 0.51 -5.59 0.18
C SER A 336 1.53 -6.69 -0.06
N ALA A 337 2.24 -6.64 -1.18
CA ALA A 337 3.21 -7.69 -1.51
C ALA A 337 4.43 -7.65 -0.61
N THR A 338 4.82 -6.46 -0.15
CA THR A 338 5.98 -6.32 0.72
C THR A 338 5.67 -6.58 2.18
N LEU A 339 4.42 -6.91 2.51
CA LEU A 339 4.05 -7.15 3.90
C LEU A 339 4.87 -8.25 4.57
N PRO A 340 5.13 -9.40 3.93
CA PRO A 340 6.02 -10.38 4.60
C PRO A 340 7.42 -9.84 4.87
N VAL A 341 7.95 -9.01 3.98
CA VAL A 341 9.23 -8.35 4.25
C VAL A 341 9.08 -7.39 5.42
N THR A 342 7.93 -6.71 5.52
CA THR A 342 7.67 -5.84 6.66
C THR A 342 7.68 -6.63 7.96
N PHE A 343 7.07 -7.82 7.96
CA PHE A 343 7.18 -8.69 9.13
C PHE A 343 8.64 -9.02 9.42
N ARG A 344 9.35 -9.54 8.43
CA ARG A 344 10.72 -10.03 8.63
C ARG A 344 11.62 -8.92 9.18
N CYS A 345 11.36 -7.68 8.78
CA CYS A 345 12.16 -6.57 9.27
C CYS A 345 11.70 -6.09 10.65
N ALA A 346 10.43 -5.67 10.76
CA ALA A 346 9.97 -5.02 11.98
C ALA A 346 9.91 -5.99 13.16
N GLU A 347 9.29 -7.16 12.97
CA GLU A 347 9.05 -8.05 14.10
C GLU A 347 10.32 -8.67 14.66
N GLU A 348 11.44 -8.60 13.94
CA GLU A 348 12.68 -9.20 14.40
C GLU A 348 13.85 -8.22 14.43
N ASN A 349 13.64 -6.95 14.13
CA ASN A 349 14.70 -5.96 14.25
C ASN A 349 14.35 -4.82 15.20
N ASN A 350 13.12 -4.32 15.17
CA ASN A 350 12.68 -3.30 16.11
C ASN A 350 12.14 -3.87 17.41
N GLN A 351 12.08 -5.21 17.52
CA GLN A 351 11.67 -5.90 18.76
C GLN A 351 10.26 -5.48 19.18
N VAL A 352 9.32 -5.70 18.27
CA VAL A 352 7.91 -5.44 18.54
C VAL A 352 7.22 -6.79 18.76
N ASP A 353 6.08 -6.71 19.46
CA ASP A 353 5.33 -7.95 19.83
C ASP A 353 4.80 -8.66 18.57
N LYS A 354 4.91 -9.98 18.56
CA LYS A 354 4.45 -10.77 17.42
C LYS A 354 2.96 -10.60 17.19
N ARG A 355 2.17 -10.64 18.27
CA ARG A 355 0.72 -10.51 18.14
C ARG A 355 0.35 -9.11 17.61
N ILE A 356 1.04 -8.08 18.08
CA ILE A 356 0.78 -6.72 17.60
C ILE A 356 1.06 -6.61 16.12
N THR A 357 2.18 -7.16 15.66
CA THR A 357 2.50 -7.10 14.24
C THR A 357 1.61 -8.02 13.42
N ARG A 358 1.15 -9.13 14.00
CA ARG A 358 0.25 -10.03 13.30
C ARG A 358 -1.20 -9.52 13.31
N PHE A 359 -1.46 -8.41 13.98
CA PHE A 359 -2.77 -7.78 14.03
C PHE A 359 -2.79 -6.43 13.33
N VAL A 360 -1.88 -5.53 13.70
CA VAL A 360 -1.90 -4.17 13.17
C VAL A 360 -1.50 -4.15 11.69
N LEU A 361 -0.44 -4.88 11.34
CA LEU A 361 0.05 -4.84 9.96
C LEU A 361 -0.96 -5.36 8.94
N PRO A 362 -1.64 -6.51 9.15
CA PRO A 362 -2.58 -6.98 8.12
C PRO A 362 -3.71 -6.00 7.83
N VAL A 363 -4.31 -5.40 8.86
CA VAL A 363 -5.38 -4.44 8.61
C VAL A 363 -4.82 -3.16 8.01
N GLY A 364 -3.66 -2.72 8.49
CA GLY A 364 -3.04 -1.53 7.94
C GLY A 364 -2.43 -1.71 6.57
N ALA A 365 -2.35 -2.94 6.07
CA ALA A 365 -1.77 -3.17 4.75
C ALA A 365 -2.71 -2.72 3.64
N THR A 366 -4.02 -2.68 3.91
CA THR A 366 -5.00 -2.28 2.92
C THR A 366 -5.71 -0.97 3.26
N ILE A 367 -5.53 -0.44 4.46
CA ILE A 367 -6.23 0.75 4.91
C ILE A 367 -5.27 1.93 5.09
N ASN A 368 -4.16 1.66 5.78
CA ASN A 368 -3.14 2.71 6.06
C ASN A 368 -2.38 2.99 4.76
N MET A 369 -3.04 3.62 3.80
CA MET A 369 -2.36 4.01 2.54
C MET A 369 -2.29 5.54 2.50
N ASP A 370 -1.39 6.12 3.30
CA ASP A 370 -1.30 7.61 3.42
C ASP A 370 -0.90 8.23 2.07
N GLY A 371 0.12 7.70 1.41
CA GLY A 371 0.60 8.29 0.17
C GLY A 371 -0.41 8.22 -0.94
N THR A 372 -1.19 7.14 -0.97
CA THR A 372 -2.26 7.04 -2.00
C THR A 372 -3.21 8.23 -1.82
N ALA A 373 -3.71 8.42 -0.59
CA ALA A 373 -4.66 9.51 -0.35
C ALA A 373 -4.05 10.87 -0.69
N LEU A 374 -2.79 11.07 -0.31
CA LEU A 374 -2.11 12.30 -0.67
C LEU A 374 -2.06 12.51 -2.17
N TYR A 375 -1.77 11.43 -2.91
CA TYR A 375 -1.75 11.49 -4.37
C TYR A 375 -3.12 11.83 -4.93
N GLU A 376 -4.16 11.17 -4.41
CA GLU A 376 -5.54 11.46 -4.88
C GLU A 376 -5.79 12.96 -4.73
N ALA A 377 -5.51 13.51 -3.54
CA ALA A 377 -5.77 14.92 -3.28
C ALA A 377 -5.00 15.82 -4.23
N VAL A 378 -3.68 15.63 -4.31
CA VAL A 378 -2.85 16.56 -5.08
C VAL A 378 -3.18 16.48 -6.57
N ALA A 379 -3.28 15.27 -7.11
CA ALA A 379 -3.48 15.12 -8.54
C ALA A 379 -4.90 15.44 -8.96
N ALA A 380 -5.88 15.34 -8.05
CA ALA A 380 -7.22 15.79 -8.38
C ALA A 380 -7.31 17.31 -8.38
N VAL A 381 -6.72 17.97 -7.39
CA VAL A 381 -6.72 19.44 -7.41
C VAL A 381 -5.89 19.95 -8.59
N PHE A 382 -4.89 19.19 -9.03
CA PHE A 382 -4.13 19.55 -10.22
C PHE A 382 -5.04 19.75 -11.43
N ILE A 383 -5.88 18.76 -11.72
CA ILE A 383 -6.75 18.89 -12.88
C ILE A 383 -7.91 19.83 -12.58
N ALA A 384 -8.27 19.98 -11.30
CA ALA A 384 -9.26 21.00 -10.96
C ALA A 384 -8.76 22.40 -11.30
N GLN A 385 -7.45 22.62 -11.23
CA GLN A 385 -6.86 23.88 -11.67
C GLN A 385 -6.65 23.90 -13.19
N LEU A 386 -6.23 22.77 -13.76
CA LEU A 386 -5.81 22.76 -15.17
C LEU A 386 -7.00 22.83 -16.12
N ASN A 387 -8.08 22.09 -15.82
CA ASN A 387 -9.15 21.90 -16.78
C ASN A 387 -10.13 23.07 -16.80
N ASP A 388 -9.62 24.29 -16.98
CA ASP A 388 -10.44 25.48 -17.14
C ASP A 388 -11.42 25.66 -15.98
N LEU A 389 -10.97 25.37 -14.77
CA LEU A 389 -11.78 25.50 -13.57
C LEU A 389 -10.99 26.23 -12.49
N ASP A 390 -11.70 26.67 -11.46
CA ASP A 390 -11.12 27.38 -10.34
C ASP A 390 -11.46 26.67 -9.04
N LEU A 391 -10.71 27.03 -7.99
CA LEU A 391 -10.86 26.37 -6.70
C LEU A 391 -12.21 26.68 -6.07
N GLY A 392 -12.76 25.68 -5.37
CA GLY A 392 -14.00 25.85 -4.62
C GLY A 392 -13.86 25.37 -3.19
N ILE A 393 -14.44 26.11 -2.24
CA ILE A 393 -14.34 25.77 -0.83
C ILE A 393 -14.92 24.40 -0.54
N GLY A 394 -16.22 24.22 -0.81
CA GLY A 394 -16.83 22.92 -0.66
C GLY A 394 -16.26 21.90 -1.62
N GLN A 395 -15.77 22.39 -2.77
CA GLN A 395 -15.09 21.51 -3.71
C GLN A 395 -13.86 20.87 -3.10
N ILE A 396 -13.08 21.61 -2.32
CA ILE A 396 -11.93 21.00 -1.65
C ILE A 396 -12.39 19.92 -0.68
N ILE A 397 -13.48 20.17 0.04
CA ILE A 397 -13.99 19.23 1.03
C ILE A 397 -14.41 17.92 0.35
N THR A 398 -15.11 18.02 -0.78
CA THR A 398 -15.58 16.79 -1.42
C THR A 398 -14.42 15.99 -2.00
N ILE A 399 -13.39 16.65 -2.55
CA ILE A 399 -12.20 15.90 -2.98
C ILE A 399 -11.53 15.24 -1.79
N SER A 400 -11.43 15.92 -0.65
CA SER A 400 -10.78 15.29 0.50
C SER A 400 -11.53 14.04 0.93
N ILE A 401 -12.87 14.13 1.04
CA ILE A 401 -13.66 12.98 1.46
C ILE A 401 -13.56 11.85 0.44
N THR A 402 -13.67 12.17 -0.85
CA THR A 402 -13.63 11.14 -1.88
C THR A 402 -12.25 10.49 -1.95
N ALA A 403 -11.19 11.28 -1.77
CA ALA A 403 -9.85 10.73 -1.75
C ALA A 403 -9.64 9.81 -0.56
N THR A 404 -10.15 10.18 0.62
CA THR A 404 -10.07 9.30 1.77
C THR A 404 -10.79 7.98 1.50
N SER A 405 -12.01 8.05 0.94
CA SER A 405 -12.76 6.84 0.66
C SER A 405 -12.06 5.96 -0.37
N ALA A 406 -11.49 6.57 -1.42
CA ALA A 406 -10.77 5.80 -2.42
C ALA A 406 -9.51 5.17 -1.83
N SER A 407 -8.83 5.89 -0.93
CA SER A 407 -7.67 5.33 -0.26
C SER A 407 -8.06 4.11 0.57
N ILE A 408 -9.19 4.18 1.26
CA ILE A 408 -9.72 2.98 1.91
C ILE A 408 -10.15 1.96 0.86
N GLY A 409 -10.69 2.41 -0.27
CA GLY A 409 -11.24 1.53 -1.30
C GLY A 409 -10.28 1.00 -2.34
N ALA A 410 -8.98 1.26 -2.21
CA ALA A 410 -8.00 0.82 -3.20
C ALA A 410 -7.32 -0.47 -2.76
N ALA A 411 -6.94 -1.28 -3.73
CA ALA A 411 -6.26 -2.53 -3.45
C ALA A 411 -4.74 -2.32 -3.38
N GLY A 412 -4.04 -3.35 -2.90
CA GLY A 412 -2.60 -3.30 -2.79
C GLY A 412 -1.88 -3.82 -4.01
N VAL A 413 -2.11 -3.18 -5.16
CA VAL A 413 -1.47 -3.57 -6.41
C VAL A 413 -0.83 -2.34 -7.04
N PRO A 414 0.23 -2.48 -7.88
CA PRO A 414 0.94 -1.33 -8.49
C PRO A 414 0.10 -0.52 -9.48
N GLN A 415 -0.93 -1.12 -10.07
CA GLN A 415 -1.83 -0.39 -10.96
C GLN A 415 -2.98 0.28 -10.22
N ALA A 416 -3.13 0.05 -8.91
CA ALA A 416 -4.16 0.74 -8.14
C ALA A 416 -3.85 2.23 -8.07
N GLY A 417 -4.82 2.99 -7.58
CA GLY A 417 -4.72 4.43 -7.53
C GLY A 417 -5.19 5.13 -8.79
N LEU A 418 -5.36 4.40 -9.88
CA LEU A 418 -5.94 4.91 -11.11
C LEU A 418 -7.39 4.52 -11.28
N VAL A 419 -7.75 3.28 -10.95
CA VAL A 419 -9.14 2.84 -11.04
C VAL A 419 -9.98 3.55 -9.98
N THR A 420 -9.43 3.75 -8.78
CA THR A 420 -10.12 4.51 -7.75
C THR A 420 -10.01 6.01 -7.97
N MET A 421 -9.13 6.45 -8.87
CA MET A 421 -9.02 7.86 -9.21
C MET A 421 -10.22 8.39 -9.95
N VAL A 422 -10.87 7.55 -10.77
CA VAL A 422 -12.01 8.01 -11.55
C VAL A 422 -13.14 8.48 -10.65
N ILE A 423 -13.27 7.86 -9.48
CA ILE A 423 -14.31 8.26 -8.54
C ILE A 423 -14.10 9.69 -8.08
N VAL A 424 -12.88 10.03 -7.66
CA VAL A 424 -12.61 11.37 -7.17
C VAL A 424 -12.58 12.37 -8.33
N LEU A 425 -12.29 11.90 -9.55
CA LEU A 425 -12.35 12.80 -10.69
C LEU A 425 -13.79 13.16 -11.03
N SER A 426 -14.70 12.19 -10.96
CA SER A 426 -16.11 12.45 -11.21
C SER A 426 -16.78 13.13 -10.03
N ALA A 427 -16.16 13.11 -8.84
CA ALA A 427 -16.74 13.80 -7.69
C ALA A 427 -16.86 15.30 -7.94
N VAL A 428 -15.88 15.88 -8.65
CA VAL A 428 -15.91 17.29 -8.98
C VAL A 428 -16.52 17.54 -10.36
N GLY A 429 -17.11 16.52 -10.96
CA GLY A 429 -17.74 16.67 -12.27
C GLY A 429 -16.75 16.91 -13.38
N LEU A 430 -15.84 15.96 -13.59
CA LEU A 430 -14.83 16.05 -14.63
C LEU A 430 -14.77 14.76 -15.42
N PRO A 431 -14.39 14.83 -16.70
CA PRO A 431 -14.39 13.61 -17.53
C PRO A 431 -13.40 12.57 -17.04
N ALA A 432 -13.73 11.31 -17.30
CA ALA A 432 -12.89 10.18 -16.90
C ALA A 432 -11.65 10.03 -17.76
N GLU A 433 -11.55 10.77 -18.88
CA GLU A 433 -10.43 10.65 -19.79
C GLU A 433 -9.26 11.55 -19.42
N ASP A 434 -9.36 12.29 -18.32
CA ASP A 434 -8.27 13.14 -17.86
C ASP A 434 -7.14 12.35 -17.19
N VAL A 435 -7.34 11.05 -16.98
CA VAL A 435 -6.28 10.21 -16.41
C VAL A 435 -5.06 10.20 -17.32
N THR A 436 -5.27 10.34 -18.63
CA THR A 436 -4.17 10.30 -19.58
C THR A 436 -3.21 11.48 -19.42
N LEU A 437 -3.57 12.43 -18.54
CA LEU A 437 -2.66 13.58 -18.28
C LEU A 437 -1.44 13.10 -17.50
N ILE A 438 -1.61 12.71 -16.23
CA ILE A 438 -0.45 12.32 -15.37
C ILE A 438 -0.16 10.83 -15.53
N ILE A 439 -0.93 10.13 -16.37
CA ILE A 439 -0.77 8.65 -16.47
C ILE A 439 0.66 8.35 -16.93
N ALA A 440 1.23 9.17 -17.80
CA ALA A 440 2.58 8.86 -18.34
C ALA A 440 3.60 8.77 -17.21
N VAL A 441 3.55 9.71 -16.25
CA VAL A 441 4.48 9.67 -15.08
C VAL A 441 3.78 8.97 -13.91
N ASP A 442 2.50 8.58 -14.08
CA ASP A 442 1.73 7.99 -12.94
C ASP A 442 2.42 6.69 -12.49
N CYS A 443 2.90 5.88 -13.45
CA CYS A 443 3.64 4.65 -13.09
C CYS A 443 4.95 5.03 -12.40
N LEU A 444 5.89 5.63 -13.14
CA LEU A 444 7.18 5.95 -12.57
C LEU A 444 7.09 6.47 -11.15
N LEU A 445 5.98 7.13 -10.80
CA LEU A 445 5.83 7.72 -9.47
C LEU A 445 5.21 6.76 -8.46
N ASP A 446 4.39 5.80 -8.90
CA ASP A 446 3.74 4.90 -7.95
C ASP A 446 4.74 4.05 -7.19
N ARG A 447 5.98 3.98 -7.67
CA ARG A 447 7.10 3.38 -6.96
C ARG A 447 7.59 4.22 -5.81
N PHE A 448 6.86 5.30 -5.48
CA PHE A 448 7.22 6.17 -4.37
C PHE A 448 6.09 6.37 -3.36
N ARG A 449 4.91 5.79 -3.58
CA ARG A 449 3.79 5.94 -2.67
C ARG A 449 3.76 4.88 -1.58
N THR A 450 4.61 3.85 -1.67
CA THR A 450 4.53 2.74 -0.73
C THR A 450 5.39 2.98 0.51
N MET A 451 6.43 3.79 0.36
CA MET A 451 7.37 4.03 1.48
C MET A 451 6.61 4.58 2.70
N VAL A 452 5.76 5.60 2.51
CA VAL A 452 5.05 6.19 3.64
C VAL A 452 4.06 5.20 4.21
N ASN A 453 3.50 4.31 3.38
CA ASN A 453 2.62 3.27 3.91
C ASN A 453 3.37 2.33 4.85
N VAL A 454 4.55 1.90 4.44
CA VAL A 454 5.34 0.98 5.27
C VAL A 454 5.74 1.67 6.57
N LEU A 455 6.18 2.93 6.49
CA LEU A 455 6.50 3.67 7.70
C LEU A 455 5.27 3.87 8.58
N GLY A 456 4.11 4.14 7.99
CA GLY A 456 2.91 4.31 8.80
C GLY A 456 2.57 3.07 9.59
N ASP A 457 2.61 1.90 8.93
CA ASP A 457 2.33 0.66 9.65
C ASP A 457 3.37 0.38 10.72
N ALA A 458 4.66 0.56 10.40
CA ALA A 458 5.70 0.28 11.38
C ALA A 458 5.61 1.22 12.58
N PHE A 459 5.36 2.50 12.32
CA PHE A 459 5.18 3.49 13.38
C PHE A 459 3.97 3.15 14.23
N GLY A 460 2.88 2.71 13.60
CA GLY A 460 1.69 2.35 14.33
C GLY A 460 1.88 1.15 15.25
N THR A 461 2.68 0.17 14.81
CA THR A 461 2.94 -0.98 15.66
C THR A 461 3.51 -0.57 17.01
N GLY A 462 4.55 0.28 17.02
CA GLY A 462 5.15 0.70 18.26
C GLY A 462 4.20 1.50 19.13
N ILE A 463 3.43 2.39 18.53
CA ILE A 463 2.51 3.23 19.30
C ILE A 463 1.42 2.39 19.95
N VAL A 464 0.84 1.45 19.20
CA VAL A 464 -0.21 0.62 19.79
C VAL A 464 0.38 -0.32 20.82
N GLU A 465 1.63 -0.75 20.65
CA GLU A 465 2.29 -1.54 21.69
C GLU A 465 2.47 -0.72 22.97
N LYS A 466 2.88 0.54 22.83
CA LYS A 466 3.08 1.39 23.99
C LYS A 466 1.76 1.68 24.70
N LEU A 467 0.69 1.93 23.94
CA LEU A 467 -0.59 2.25 24.56
C LEU A 467 -1.12 1.10 25.41
N SER A 468 -0.99 -0.13 24.92
CA SER A 468 -1.51 -1.31 25.60
C SER A 468 -0.38 -2.18 26.15
N LYS A 469 0.65 -1.55 26.69
CA LYS A 469 1.77 -2.30 27.25
C LYS A 469 1.34 -3.13 28.46
N LYS A 470 0.51 -2.55 29.33
CA LYS A 470 0.07 -3.26 30.53
C LYS A 470 -0.76 -4.48 30.17
N GLU A 471 -1.68 -4.34 29.22
CA GLU A 471 -2.54 -5.45 28.82
C GLU A 471 -1.78 -6.54 28.08
N LEU A 472 -0.56 -6.26 27.62
CA LEU A 472 0.25 -7.25 26.92
C LEU A 472 1.12 -8.02 27.90
N GLU B . 1.21 0.99 -4.85
CA GLU B . 0.36 1.36 -3.72
C GLU B . 0.81 0.62 -2.46
O GLU B . 1.33 -0.48 -2.53
CB GLU B . -1.11 1.05 -4.03
CG GLU B . -1.93 2.26 -4.42
CD GLU B . -1.46 2.89 -5.72
OE1 GLU B . -1.76 4.08 -5.94
OE2 GLU B . -0.79 2.20 -6.51
OXT GLU B . 0.63 1.13 -1.35
NA NA C . -0.36 0.51 3.82
NA NA D . -7.69 0.79 0.22
NA NA E . -3.68 6.24 7.49
HG HG F . 7.31 2.07 -13.79
#